data_2Z6U
#
_entry.id   2Z6U
#
_cell.length_a   98.410
_cell.length_b   98.410
_cell.length_c   322.310
_cell.angle_alpha   90.00
_cell.angle_beta   90.00
_cell.angle_gamma   120.00
#
_symmetry.space_group_name_H-M   'H 3 2'
#
loop_
_entity.id
_entity.type
_entity.pdbx_description
1 polymer "DNA (5'-D(*DGP*DAP*DTP*DAP*DGP*DCP*DGP*DCP*DTP*DAP*DTP*DC)-3')"
2 polymer "DNA (5'-D(*DTP*DGP*DAP*DTP*DAP*DGP*DCP*DGP*DCP*DTP*DAP*DTP*DC)-3')"
3 polymer 'Modification methylase HhaI'
4 non-polymer S-ADENOSYL-L-HOMOCYSTEINE
5 water water
#
loop_
_entity_poly.entity_id
_entity_poly.type
_entity_poly.pdbx_seq_one_letter_code
_entity_poly.pdbx_strand_id
1 'polydeoxyribonucleotide' (DG)(DA)(DT)(DA)(DG)(DC)(DG)(DC)(DT)(DA)(DT)(DC) C
2 'polydeoxyribonucleotide' (DT)(DG)(DA)(DT)(DA)(DG)(DC)(DG)(DC)(DT)(DA)(DT)(DC) D
3 'polypeptide(L)'
;MIEIKDKQLTGLRFIDLFAGLGGFRLALESCGAECVYSNEWDKYAQEVYEMNFGEKPEGDITQVNEKTIPDHDILCAGFP
CQAFSISGKQKGFEDSRGTLFFDIARIVREKKPKVVFMANVKNFASHDNGNTLEVVKNTMNELDYSFHAKVLNALDYGIP
QKRERIYMICFRNDLNIQNFQFPKPFELNTFVKDLLLPDSEVEHLVIDRKDLVMTNQEIEQTTPKTVRLGIVGKGGQGER
IYSTRGIAITLSAYGGGIFAKTGGYLVNGKTRKLHPRECARVMGYPDSYKVHPSTSQAYKQFGNSVVINVLQYIAYNIGS
SLNFKPY
;
A
#
loop_
_chem_comp.id
_chem_comp.type
_chem_comp.name
_chem_comp.formula
DA DNA linking 2'-DEOXYADENOSINE-5'-MONOPHOSPHATE 'C10 H14 N5 O6 P'
DC DNA linking 2'-DEOXYCYTIDINE-5'-MONOPHOSPHATE 'C9 H14 N3 O7 P'
DG DNA linking 2'-DEOXYGUANOSINE-5'-MONOPHOSPHATE 'C10 H14 N5 O7 P'
DT DNA linking THYMIDINE-5'-MONOPHOSPHATE 'C10 H15 N2 O8 P'
#
# COMPACT_ATOMS: atom_id res chain seq x y z
N MET C 1 5.01 -3.34 -10.99
CA MET C 1 5.69 -4.41 -10.21
C MET C 1 6.90 -4.98 -10.97
N ILE C 2 7.75 -5.68 -10.24
CA ILE C 2 8.96 -6.23 -10.80
C ILE C 2 8.82 -7.73 -11.13
N GLU C 3 9.62 -8.22 -12.06
CA GLU C 3 9.58 -9.65 -12.38
C GLU C 3 10.48 -10.36 -11.40
N ILE C 4 10.09 -11.55 -10.97
CA ILE C 4 10.92 -12.28 -10.03
C ILE C 4 11.17 -13.68 -10.54
N LYS C 5 12.44 -13.98 -10.81
CA LYS C 5 12.78 -15.31 -11.31
C LYS C 5 12.91 -16.41 -10.25
N ASP C 6 13.45 -16.10 -9.06
CA ASP C 6 13.58 -17.11 -8.00
C ASP C 6 12.44 -16.98 -7.01
N LYS C 7 11.45 -17.87 -7.14
CA LYS C 7 10.29 -17.84 -6.30
C LYS C 7 10.58 -18.29 -4.85
N GLN C 8 11.13 -17.39 -4.05
CA GLN C 8 11.42 -17.73 -2.66
C GLN C 8 10.23 -18.29 -1.91
N LEU C 9 9.02 -17.95 -2.35
CA LEU C 9 7.84 -18.43 -1.63
C LEU C 9 7.10 -19.63 -2.22
N THR C 10 7.73 -20.33 -3.15
CA THR C 10 7.10 -21.50 -3.75
C THR C 10 6.71 -22.53 -2.68
N GLY C 11 5.53 -23.11 -2.81
CA GLY C 11 5.09 -24.11 -1.85
C GLY C 11 4.40 -23.52 -0.63
N LEU C 12 4.66 -22.24 -0.35
CA LEU C 12 4.04 -21.61 0.79
C LEU C 12 2.70 -21.03 0.42
N ARG C 13 1.74 -21.15 1.34
CA ARG C 13 0.40 -20.63 1.12
C ARG C 13 0.10 -19.46 2.08
N PHE C 14 -0.58 -18.44 1.55
CA PHE C 14 -0.91 -17.25 2.33
C PHE C 14 -2.37 -16.83 2.36
N ILE C 15 -2.66 -15.91 3.29
CA ILE C 15 -3.98 -15.33 3.51
C ILE C 15 -3.98 -13.84 3.16
N ASP C 16 -5.01 -13.41 2.44
CA ASP C 16 -5.12 -12.02 2.01
C ASP C 16 -6.23 -11.34 2.79
N LEU C 17 -5.88 -10.83 3.96
CA LEU C 17 -6.85 -10.13 4.80
C LEU C 17 -6.88 -8.67 4.42
N PHE C 18 -8.04 -8.03 4.57
CA PHE C 18 -8.19 -6.62 4.21
C PHE C 18 -7.61 -6.44 2.82
N ALA C 19 -7.97 -7.37 1.94
CA ALA C 19 -7.50 -7.43 0.57
C ALA C 19 -7.52 -6.18 -0.30
N GLY C 20 -8.67 -5.49 -0.38
CA GLY C 20 -8.74 -4.31 -1.21
C GLY C 20 -8.54 -4.71 -2.66
N LEU C 21 -7.51 -4.17 -3.31
CA LEU C 21 -7.22 -4.50 -4.70
C LEU C 21 -6.43 -5.81 -4.82
N GLY C 22 -5.90 -6.31 -3.72
CA GLY C 22 -5.13 -7.54 -3.75
C GLY C 22 -3.64 -7.32 -3.95
N GLY C 23 -3.18 -6.10 -3.65
CA GLY C 23 -1.77 -5.78 -3.81
C GLY C 23 -0.85 -6.81 -3.18
N PHE C 24 -1.22 -7.28 -2.00
CA PHE C 24 -0.44 -8.28 -1.30
C PHE C 24 -0.41 -9.60 -2.08
N ARG C 25 -1.57 -9.97 -2.62
CA ARG C 25 -1.66 -11.20 -3.39
C ARG C 25 -0.73 -11.12 -4.59
N LEU C 26 -0.74 -9.99 -5.29
CA LEU C 26 0.12 -9.83 -6.45
C LEU C 26 1.57 -10.00 -6.05
N ALA C 27 1.97 -9.35 -4.96
CA ALA C 27 3.34 -9.44 -4.50
C ALA C 27 3.72 -10.85 -4.08
N LEU C 28 2.95 -11.47 -3.19
CA LEU C 28 3.31 -12.82 -2.76
C LEU C 28 3.15 -13.84 -3.88
N GLU C 29 2.26 -13.61 -4.83
CA GLU C 29 2.09 -14.56 -5.92
C GLU C 29 3.25 -14.50 -6.92
N SER C 30 3.88 -13.34 -7.02
CA SER C 30 5.01 -13.17 -7.94
C SER C 30 6.25 -13.85 -7.37
N CYS C 31 6.17 -14.24 -6.10
CA CYS C 31 7.28 -14.92 -5.44
C CYS C 31 7.00 -16.41 -5.30
N GLY C 32 5.90 -16.84 -5.89
CA GLY C 32 5.52 -18.25 -5.87
C GLY C 32 4.54 -18.73 -4.81
N ALA C 33 4.06 -17.84 -3.96
CA ALA C 33 3.13 -18.22 -2.91
C ALA C 33 1.72 -18.45 -3.45
N GLU C 34 0.92 -19.20 -2.70
CA GLU C 34 -0.45 -19.51 -3.11
C GLU C 34 -1.48 -18.91 -2.15
N CYS C 35 -2.38 -18.10 -2.69
CA CYS C 35 -3.42 -17.49 -1.87
C CYS C 35 -4.55 -18.49 -1.62
N VAL C 36 -4.82 -18.78 -0.34
CA VAL C 36 -5.87 -19.75 -0.01
C VAL C 36 -7.11 -19.13 0.60
N TYR C 37 -7.08 -17.83 0.87
CA TYR C 37 -8.22 -17.15 1.47
C TYR C 37 -8.06 -15.64 1.35
N SER C 38 -9.15 -14.95 1.07
CA SER C 38 -9.08 -13.50 0.95
C SER C 38 -10.28 -12.93 1.66
N ASN C 39 -10.08 -11.81 2.33
CA ASN C 39 -11.16 -11.14 3.05
C ASN C 39 -11.16 -9.63 2.79
N GLU C 40 -12.34 -9.12 2.47
CA GLU C 40 -12.55 -7.70 2.16
C GLU C 40 -14.05 -7.46 2.18
N TRP C 41 -14.52 -6.51 2.99
CA TRP C 41 -15.96 -6.28 3.06
C TRP C 41 -16.57 -5.22 2.15
N ASP C 42 -15.74 -4.41 1.52
CA ASP C 42 -16.26 -3.37 0.64
C ASP C 42 -16.77 -3.97 -0.65
N LYS C 43 -18.04 -3.72 -0.93
CA LYS C 43 -18.69 -4.26 -2.13
C LYS C 43 -17.91 -3.99 -3.43
N TYR C 44 -17.49 -2.75 -3.63
CA TYR C 44 -16.77 -2.40 -4.83
C TYR C 44 -15.40 -3.05 -4.91
N ALA C 45 -14.64 -2.99 -3.82
CA ALA C 45 -13.32 -3.62 -3.80
C ALA C 45 -13.49 -5.10 -4.13
N GLN C 46 -14.57 -5.68 -3.62
CA GLN C 46 -14.87 -7.08 -3.89
C GLN C 46 -15.05 -7.33 -5.38
N GLU C 47 -15.72 -6.39 -6.05
CA GLU C 47 -15.96 -6.48 -7.48
C GLU C 47 -14.65 -6.45 -8.25
N VAL C 48 -13.76 -5.52 -7.89
CA VAL C 48 -12.47 -5.44 -8.56
C VAL C 48 -11.68 -6.69 -8.27
N TYR C 49 -11.73 -7.13 -7.01
CA TYR C 49 -10.99 -8.32 -6.61
C TYR C 49 -11.39 -9.49 -7.49
N GLU C 50 -12.69 -9.70 -7.66
CA GLU C 50 -13.19 -10.80 -8.48
C GLU C 50 -12.80 -10.56 -9.93
N MET C 51 -12.96 -9.31 -10.35
CA MET C 51 -12.63 -8.91 -11.69
C MET C 51 -11.17 -9.22 -12.01
N ASN C 52 -10.37 -9.53 -10.99
CA ASN C 52 -8.96 -9.82 -11.20
C ASN C 52 -8.44 -11.14 -10.67
N PHE C 53 -9.22 -11.81 -9.82
CA PHE C 53 -8.78 -13.09 -9.25
C PHE C 53 -9.85 -14.18 -9.30
N GLY C 54 -10.99 -13.86 -9.88
CA GLY C 54 -12.06 -14.84 -9.99
C GLY C 54 -12.90 -15.06 -8.74
N GLU C 55 -12.33 -14.79 -7.57
CA GLU C 55 -13.06 -15.01 -6.34
C GLU C 55 -13.50 -13.72 -5.67
N LYS C 56 -14.45 -13.87 -4.76
CA LYS C 56 -14.99 -12.76 -4.01
C LYS C 56 -14.61 -12.92 -2.53
N PRO C 57 -13.86 -11.95 -1.99
CA PRO C 57 -13.46 -12.03 -0.58
C PRO C 57 -14.64 -12.23 0.36
N GLU C 58 -14.35 -12.69 1.58
CA GLU C 58 -15.38 -12.92 2.59
C GLU C 58 -15.73 -11.61 3.29
N GLY C 59 -16.93 -11.54 3.85
CA GLY C 59 -17.39 -10.33 4.50
C GLY C 59 -16.70 -9.94 5.80
N ASP C 60 -17.32 -9.00 6.51
CA ASP C 60 -16.82 -8.48 7.78
C ASP C 60 -15.99 -9.50 8.56
N ILE C 61 -14.69 -9.22 8.66
CA ILE C 61 -13.76 -10.10 9.34
C ILE C 61 -14.09 -10.22 10.82
N THR C 62 -14.49 -9.11 11.44
CA THR C 62 -14.80 -9.10 12.85
C THR C 62 -15.88 -10.10 13.24
N GLN C 63 -16.56 -10.66 12.24
CA GLN C 63 -17.59 -11.64 12.54
C GLN C 63 -17.36 -12.96 11.81
N VAL C 64 -16.09 -13.34 11.65
CA VAL C 64 -15.73 -14.59 10.98
C VAL C 64 -15.01 -15.45 12.01
N ASN C 65 -15.42 -16.71 12.17
CA ASN C 65 -14.74 -17.53 13.16
C ASN C 65 -13.36 -17.92 12.65
N GLU C 66 -12.33 -17.45 13.34
CA GLU C 66 -10.95 -17.74 12.97
C GLU C 66 -10.72 -19.22 12.63
N LYS C 67 -11.34 -20.12 13.39
CA LYS C 67 -11.21 -21.55 13.14
C LYS C 67 -11.48 -21.80 11.66
N THR C 68 -12.40 -21.02 11.11
CA THR C 68 -12.81 -21.08 9.70
C THR C 68 -11.66 -20.81 8.73
N ILE C 69 -10.80 -19.86 9.08
CA ILE C 69 -9.68 -19.52 8.23
C ILE C 69 -8.85 -20.77 7.89
N PRO C 70 -8.51 -20.94 6.60
CA PRO C 70 -7.72 -22.06 6.08
C PRO C 70 -6.29 -22.00 6.61
N ASP C 71 -5.66 -23.14 6.80
CA ASP C 71 -4.28 -23.12 7.30
C ASP C 71 -3.47 -22.33 6.30
N HIS C 72 -2.45 -21.62 6.80
CA HIS C 72 -1.60 -20.82 5.95
C HIS C 72 -0.25 -20.55 6.61
N ASP C 73 0.77 -20.31 5.79
CA ASP C 73 2.11 -20.04 6.32
C ASP C 73 2.32 -18.56 6.57
N ILE C 74 1.76 -17.71 5.71
CA ILE C 74 1.93 -16.28 5.86
C ILE C 74 0.60 -15.53 5.90
N LEU C 75 0.44 -14.66 6.90
CA LEU C 75 -0.78 -13.87 6.99
C LEU C 75 -0.45 -12.46 6.54
N CYS C 76 -1.18 -11.99 5.53
CA CYS C 76 -0.98 -10.64 5.01
C CYS C 76 -2.12 -9.73 5.46
N ALA C 77 -1.74 -8.54 5.91
CA ALA C 77 -2.73 -7.57 6.36
C ALA C 77 -2.22 -6.14 6.35
N GLY C 78 -2.93 -5.31 5.58
CA GLY C 78 -2.63 -3.90 5.52
C GLY C 78 -3.94 -3.39 6.08
N PHE C 79 -4.11 -3.50 7.40
CA PHE C 79 -5.36 -3.08 8.03
C PHE C 79 -5.64 -1.57 7.94
N PRO C 80 -6.90 -1.17 8.23
CA PRO C 80 -7.36 0.21 8.20
C PRO C 80 -6.45 1.19 8.91
N CYS C 81 -6.36 2.40 8.36
CA CYS C 81 -5.51 3.41 8.93
C CYS C 81 -6.17 4.77 9.14
N GLN C 82 -7.46 4.91 8.84
CA GLN C 82 -8.09 6.20 9.04
C GLN C 82 -7.86 6.62 10.49
N ALA C 83 -7.85 5.64 11.38
CA ALA C 83 -7.68 5.87 12.81
C ALA C 83 -6.27 6.20 13.26
N PHE C 84 -5.31 6.22 12.34
CA PHE C 84 -3.93 6.52 12.72
C PHE C 84 -3.18 7.48 11.82
N SER C 85 -3.76 7.83 10.67
CA SER C 85 -3.08 8.71 9.74
C SER C 85 -2.89 10.14 10.22
N ILE C 86 -1.85 10.77 9.68
CA ILE C 86 -1.53 12.16 9.99
C ILE C 86 -2.67 13.04 9.47
N SER C 87 -3.41 12.50 8.50
CA SER C 87 -4.50 13.23 7.88
C SER C 87 -5.84 13.16 8.61
N GLY C 88 -6.03 12.14 9.45
CA GLY C 88 -7.29 12.00 10.15
C GLY C 88 -7.32 12.57 11.56
N LYS C 89 -8.31 12.17 12.34
CA LYS C 89 -8.48 12.63 13.71
C LYS C 89 -8.00 11.57 14.68
N GLN C 90 -6.74 11.17 14.49
CA GLN C 90 -6.05 10.17 15.28
C GLN C 90 -6.70 9.53 16.50
N LYS C 91 -7.89 8.97 16.37
CA LYS C 91 -8.53 8.36 17.53
C LYS C 91 -8.09 6.93 17.85
N GLY C 92 -7.03 6.47 17.17
CA GLY C 92 -6.50 5.13 17.38
C GLY C 92 -7.49 4.01 17.65
N PHE C 93 -7.22 3.23 18.71
CA PHE C 93 -8.07 2.11 19.06
C PHE C 93 -9.46 2.52 19.50
N GLU C 94 -9.63 3.80 19.83
CA GLU C 94 -10.93 4.31 20.26
C GLU C 94 -11.86 4.46 19.05
N ASP C 95 -11.27 4.50 17.86
CA ASP C 95 -12.04 4.62 16.62
C ASP C 95 -12.60 3.25 16.24
N SER C 96 -13.84 3.22 15.77
CA SER C 96 -14.46 1.96 15.37
C SER C 96 -13.59 1.20 14.37
N ARG C 97 -13.07 1.90 13.37
CA ARG C 97 -12.22 1.30 12.36
C ARG C 97 -10.77 1.18 12.83
N GLY C 98 -10.55 1.30 14.13
CA GLY C 98 -9.18 1.22 14.64
C GLY C 98 -8.81 -0.03 15.44
N THR C 99 -9.75 -0.95 15.63
CA THR C 99 -9.49 -2.16 16.41
C THR C 99 -9.19 -3.41 15.58
N LEU C 100 -9.28 -3.29 14.26
CA LEU C 100 -9.04 -4.39 13.34
C LEU C 100 -7.76 -5.18 13.58
N PHE C 101 -6.74 -4.51 14.10
CA PHE C 101 -5.50 -5.23 14.35
C PHE C 101 -5.75 -6.37 15.33
N PHE C 102 -6.59 -6.13 16.33
CA PHE C 102 -6.85 -7.18 17.31
C PHE C 102 -7.58 -8.35 16.68
N ASP C 103 -8.19 -8.14 15.53
CA ASP C 103 -8.85 -9.23 14.84
C ASP C 103 -7.75 -10.11 14.26
N ILE C 104 -6.69 -9.48 13.76
CA ILE C 104 -5.55 -10.21 13.22
C ILE C 104 -4.99 -11.06 14.37
N ALA C 105 -4.80 -10.40 15.52
CA ALA C 105 -4.27 -11.04 16.72
C ALA C 105 -4.99 -12.35 17.05
N ARG C 106 -6.31 -12.38 16.89
CA ARG C 106 -7.03 -13.60 17.17
C ARG C 106 -6.92 -14.58 16.01
N ILE C 107 -6.73 -14.06 14.79
CA ILE C 107 -6.57 -14.96 13.67
C ILE C 107 -5.26 -15.71 13.90
N VAL C 108 -4.22 -14.97 14.27
CA VAL C 108 -2.92 -15.56 14.52
C VAL C 108 -2.95 -16.55 15.67
N ARG C 109 -3.52 -16.14 16.79
CA ARG C 109 -3.62 -17.02 17.94
C ARG C 109 -4.13 -18.41 17.54
N GLU C 110 -5.18 -18.45 16.72
CA GLU C 110 -5.79 -19.71 16.27
C GLU C 110 -5.04 -20.47 15.18
N LYS C 111 -4.64 -19.77 14.12
CA LYS C 111 -3.97 -20.38 12.99
C LYS C 111 -2.44 -20.46 13.09
N LYS C 112 -1.86 -19.63 13.95
CA LYS C 112 -0.42 -19.62 14.14
C LYS C 112 0.45 -19.69 12.88
N PRO C 113 0.25 -18.77 11.92
CA PRO C 113 1.05 -18.78 10.69
C PRO C 113 2.55 -18.72 10.97
N LYS C 114 3.35 -19.11 10.00
CA LYS C 114 4.80 -19.07 10.15
C LYS C 114 5.26 -17.62 10.11
N VAL C 115 4.56 -16.78 9.36
CA VAL C 115 4.88 -15.36 9.23
C VAL C 115 3.67 -14.44 9.24
N VAL C 116 3.84 -13.27 9.85
CA VAL C 116 2.78 -12.29 9.87
C VAL C 116 3.32 -11.05 9.16
N PHE C 117 2.69 -10.73 8.04
CA PHE C 117 3.09 -9.59 7.21
C PHE C 117 2.01 -8.49 7.34
N MET C 118 2.40 -7.34 7.89
CA MET C 118 1.45 -6.24 8.07
C MET C 118 1.95 -4.91 7.54
N ALA C 119 1.03 -4.01 7.21
CA ALA C 119 1.38 -2.69 6.72
C ALA C 119 0.39 -1.62 7.14
N ASN C 120 0.89 -0.42 7.39
CA ASN C 120 0.03 0.71 7.76
C ASN C 120 0.78 2.00 7.49
N VAL C 121 0.14 3.13 7.75
CA VAL C 121 0.77 4.42 7.49
C VAL C 121 1.92 4.72 8.45
N LYS C 122 2.75 5.70 8.08
CA LYS C 122 3.91 6.06 8.89
C LYS C 122 3.57 6.65 10.25
N ASN C 123 2.59 7.52 10.29
CA ASN C 123 2.21 8.10 11.57
C ASN C 123 1.82 7.01 12.54
N PHE C 124 1.74 5.77 12.06
CA PHE C 124 1.37 4.65 12.91
C PHE C 124 2.45 4.36 13.96
N ALA C 125 3.71 4.52 13.57
CA ALA C 125 4.80 4.26 14.49
C ALA C 125 4.83 5.20 15.68
N SER C 126 4.47 6.46 15.47
CA SER C 126 4.48 7.43 16.56
C SER C 126 3.12 7.69 17.20
N HIS C 127 2.04 7.28 16.53
CA HIS C 127 0.70 7.51 17.07
C HIS C 127 0.59 7.31 18.59
N ASP C 128 0.00 8.29 19.25
CA ASP C 128 -0.19 8.25 20.70
C ASP C 128 1.12 8.00 21.45
N ASN C 129 2.14 8.79 21.10
CA ASN C 129 3.46 8.69 21.69
C ASN C 129 4.04 7.31 21.49
N GLY C 130 3.64 6.62 20.43
CA GLY C 130 4.18 5.30 20.18
C GLY C 130 3.54 4.15 20.93
N ASN C 131 2.54 4.44 21.76
CA ASN C 131 1.87 3.39 22.51
C ASN C 131 1.16 2.39 21.60
N THR C 132 0.67 2.86 20.46
CA THR C 132 -0.04 2.01 19.51
C THR C 132 0.87 0.92 18.93
N LEU C 133 2.07 1.32 18.53
CA LEU C 133 3.01 0.38 17.96
C LEU C 133 3.47 -0.60 19.02
N GLU C 134 3.56 -0.11 20.26
CA GLU C 134 3.99 -0.93 21.38
C GLU C 134 2.99 -2.04 21.67
N VAL C 135 1.70 -1.70 21.64
CA VAL C 135 0.66 -2.69 21.87
C VAL C 135 0.80 -3.82 20.84
N VAL C 136 1.12 -3.45 19.61
CA VAL C 136 1.30 -4.42 18.52
C VAL C 136 2.58 -5.23 18.69
N LYS C 137 3.64 -4.60 19.21
CA LYS C 137 4.88 -5.34 19.41
C LYS C 137 4.72 -6.37 20.50
N ASN C 138 4.20 -5.94 21.65
CA ASN C 138 4.00 -6.84 22.77
C ASN C 138 2.94 -7.90 22.46
N THR C 139 1.86 -7.50 21.80
CA THR C 139 0.79 -8.45 21.46
C THR C 139 1.36 -9.54 20.55
N MET C 140 2.28 -9.16 19.67
CA MET C 140 2.91 -10.10 18.76
C MET C 140 3.96 -10.91 19.50
N ASN C 141 4.74 -10.24 20.35
CA ASN C 141 5.77 -10.93 21.15
C ASN C 141 5.10 -11.89 22.14
N GLU C 142 3.92 -11.51 22.61
CA GLU C 142 3.19 -12.33 23.56
C GLU C 142 2.54 -13.54 22.90
N LEU C 143 2.44 -13.51 21.56
CA LEU C 143 1.87 -14.61 20.79
C LEU C 143 3.05 -15.49 20.40
N ASP C 144 4.24 -15.05 20.81
CA ASP C 144 5.49 -15.74 20.55
C ASP C 144 6.04 -15.58 19.13
N TYR C 145 5.99 -14.34 18.64
CA TYR C 145 6.51 -14.01 17.32
C TYR C 145 7.52 -12.89 17.51
N SER C 146 8.51 -12.81 16.62
CA SER C 146 9.50 -11.73 16.67
C SER C 146 8.77 -10.54 16.06
N PHE C 147 9.33 -9.35 16.18
CA PHE C 147 8.68 -8.17 15.65
C PHE C 147 9.64 -7.24 14.93
N HIS C 148 9.69 -7.37 13.61
CA HIS C 148 10.56 -6.55 12.78
C HIS C 148 9.74 -5.45 12.13
N ALA C 149 9.89 -4.21 12.60
CA ALA C 149 9.13 -3.10 12.05
C ALA C 149 10.02 -1.98 11.48
N LYS C 150 9.59 -1.40 10.37
CA LYS C 150 10.35 -0.33 9.75
C LYS C 150 9.54 0.46 8.70
N VAL C 151 9.87 1.74 8.58
CA VAL C 151 9.19 2.61 7.62
C VAL C 151 10.03 2.75 6.38
N LEU C 152 9.41 2.53 5.23
CA LEU C 152 10.08 2.67 3.96
C LEU C 152 9.33 3.63 3.04
N ASN C 153 10.06 4.32 2.18
CA ASN C 153 9.44 5.23 1.23
C ASN C 153 9.54 4.56 -0.13
N ALA C 154 8.42 4.52 -0.84
CA ALA C 154 8.38 3.88 -2.16
C ALA C 154 9.41 4.44 -3.12
N LEU C 155 9.69 5.73 -3.02
CA LEU C 155 10.67 6.40 -3.89
C LEU C 155 12.06 5.78 -3.78
N ASP C 156 12.25 4.98 -2.73
CA ASP C 156 13.52 4.31 -2.48
C ASP C 156 13.56 2.93 -3.10
N TYR C 157 12.45 2.51 -3.71
CA TYR C 157 12.41 1.19 -4.32
C TYR C 157 11.86 1.12 -5.73
N GLY C 158 12.28 2.07 -6.57
CA GLY C 158 11.87 2.08 -7.95
C GLY C 158 10.56 2.74 -8.35
N ILE C 159 9.71 3.07 -7.39
CA ILE C 159 8.43 3.70 -7.70
C ILE C 159 8.46 5.18 -7.36
N PRO C 160 8.14 6.04 -8.35
CA PRO C 160 8.15 7.48 -8.10
C PRO C 160 6.97 8.00 -7.29
N GLN C 161 6.94 7.66 -5.99
CA GLN C 161 5.88 8.14 -5.11
C GLN C 161 6.46 8.37 -3.72
N LYS C 162 6.05 9.44 -3.06
CA LYS C 162 6.55 9.75 -1.73
C LYS C 162 5.83 8.95 -0.64
N ARG C 163 5.14 7.89 -1.03
CA ARG C 163 4.41 7.09 -0.06
C ARG C 163 5.31 6.42 0.99
N GLU C 164 5.27 6.94 2.20
CA GLU C 164 6.05 6.41 3.32
C GLU C 164 5.14 5.53 4.17
N ARG C 165 5.51 4.26 4.31
CA ARG C 165 4.72 3.32 5.10
C ARG C 165 5.55 2.48 6.06
N ILE C 166 4.91 1.98 7.12
CA ILE C 166 5.57 1.12 8.09
C ILE C 166 5.21 -0.33 7.79
N TYR C 167 6.23 -1.17 7.69
CA TYR C 167 6.04 -2.58 7.41
C TYR C 167 6.44 -3.43 8.62
N MET C 168 5.50 -4.27 9.06
CA MET C 168 5.73 -5.12 10.21
C MET C 168 5.79 -6.59 9.80
N ILE C 169 6.95 -7.22 10.02
CA ILE C 169 7.17 -8.63 9.68
C ILE C 169 7.37 -9.45 10.95
N CYS C 170 6.56 -10.49 11.12
CA CYS C 170 6.65 -11.33 12.31
C CYS C 170 6.80 -12.82 12.01
N PHE C 171 7.89 -13.40 12.52
CA PHE C 171 8.17 -14.82 12.36
C PHE C 171 7.83 -15.53 13.65
N ARG C 172 7.36 -16.77 13.55
CA ARG C 172 7.02 -17.56 14.75
C ARG C 172 8.38 -17.86 15.36
N ASN C 173 8.55 -17.63 16.66
CA ASN C 173 9.84 -17.86 17.31
C ASN C 173 10.46 -19.25 17.10
N ASP C 174 9.66 -20.31 17.31
CA ASP C 174 10.14 -21.68 17.15
C ASP C 174 11.06 -21.84 15.95
N LEU C 175 10.75 -21.17 14.84
CA LEU C 175 11.63 -21.26 13.69
C LEU C 175 12.58 -20.07 13.85
N ASN C 176 13.78 -20.35 14.36
CA ASN C 176 14.76 -19.31 14.63
C ASN C 176 15.21 -18.54 13.40
N ILE C 177 14.53 -17.45 13.11
CA ILE C 177 14.90 -16.63 11.96
C ILE C 177 15.66 -15.42 12.48
N GLN C 178 16.92 -15.31 12.09
CA GLN C 178 17.74 -14.20 12.55
C GLN C 178 18.50 -13.51 11.44
N ASN C 179 18.12 -13.73 10.19
CA ASN C 179 18.82 -13.06 9.07
C ASN C 179 17.89 -12.21 8.22
N PHE C 180 16.68 -11.99 8.72
CA PHE C 180 15.71 -11.19 7.98
C PHE C 180 16.09 -9.72 7.95
N GLN C 181 16.01 -9.12 6.77
CA GLN C 181 16.35 -7.73 6.62
C GLN C 181 15.42 -7.07 5.63
N PHE C 182 15.20 -5.78 5.81
CA PHE C 182 14.37 -5.00 4.90
C PHE C 182 15.25 -4.67 3.70
N PRO C 183 14.65 -4.54 2.51
CA PRO C 183 15.38 -4.24 1.29
C PRO C 183 16.19 -2.96 1.40
N LYS C 184 17.42 -2.99 0.90
CA LYS C 184 18.25 -1.81 0.93
C LYS C 184 17.72 -0.91 -0.17
N PRO C 185 17.60 0.40 0.11
CA PRO C 185 17.09 1.29 -0.93
C PRO C 185 18.05 1.34 -2.10
N PHE C 186 17.55 1.76 -3.25
CA PHE C 186 18.41 1.89 -4.42
C PHE C 186 17.93 3.11 -5.18
N GLU C 187 18.82 3.68 -5.98
CA GLU C 187 18.54 4.88 -6.74
C GLU C 187 17.24 4.86 -7.55
N LEU C 188 16.51 5.97 -7.52
CA LEU C 188 15.26 6.09 -8.27
C LEU C 188 15.52 6.59 -9.69
N ASN C 189 15.29 5.73 -10.68
CA ASN C 189 15.50 6.11 -12.07
C ASN C 189 14.18 6.25 -12.85
N THR C 190 13.07 6.48 -12.14
CA THR C 190 11.78 6.62 -12.79
C THR C 190 11.01 7.76 -12.17
N PHE C 191 10.38 8.58 -13.00
CA PHE C 191 9.64 9.72 -12.47
C PHE C 191 8.22 9.78 -12.98
N VAL C 192 7.42 10.61 -12.35
CA VAL C 192 6.02 10.73 -12.71
C VAL C 192 5.81 10.69 -14.22
N LYS C 193 6.38 11.68 -14.91
CA LYS C 193 6.22 11.77 -16.36
C LYS C 193 6.52 10.49 -17.15
N ASP C 194 7.33 9.61 -16.59
CA ASP C 194 7.65 8.37 -17.27
C ASP C 194 6.47 7.41 -17.19
N LEU C 195 5.52 7.69 -16.30
CA LEU C 195 4.38 6.82 -16.11
C LEU C 195 3.07 7.34 -16.68
N LEU C 196 3.06 8.59 -17.13
CA LEU C 196 1.83 9.20 -17.65
C LEU C 196 1.30 8.57 -18.93
N LEU C 197 0.03 8.83 -19.21
CA LEU C 197 -0.61 8.33 -20.41
C LEU C 197 -0.58 9.46 -21.44
N PRO C 198 -0.87 9.15 -22.71
CA PRO C 198 -0.85 10.21 -23.72
C PRO C 198 -1.93 11.24 -23.39
N ASP C 199 -1.70 12.49 -23.76
CA ASP C 199 -2.66 13.56 -23.51
C ASP C 199 -4.05 13.26 -24.04
N SER C 200 -4.13 12.61 -25.22
CA SER C 200 -5.43 12.31 -25.81
C SER C 200 -6.33 11.53 -24.88
N GLU C 201 -5.73 10.77 -23.96
CA GLU C 201 -6.52 9.95 -23.05
C GLU C 201 -6.85 10.61 -21.71
N VAL C 202 -6.20 11.72 -21.40
CA VAL C 202 -6.44 12.39 -20.12
C VAL C 202 -7.01 13.81 -20.22
N GLU C 203 -7.41 14.21 -21.43
CA GLU C 203 -7.98 15.55 -21.68
C GLU C 203 -9.12 15.89 -20.71
N HIS C 204 -9.96 14.91 -20.42
CA HIS C 204 -11.11 15.07 -19.53
C HIS C 204 -10.73 15.37 -18.07
N LEU C 205 -9.51 15.00 -17.68
CA LEU C 205 -9.04 15.23 -16.31
C LEU C 205 -8.46 16.62 -16.16
N VAL C 206 -8.20 17.28 -17.28
CA VAL C 206 -7.64 18.61 -17.24
C VAL C 206 -8.58 19.57 -16.54
N ILE C 207 -8.04 20.28 -15.56
CA ILE C 207 -8.80 21.26 -14.81
C ILE C 207 -8.17 22.60 -15.13
N ASP C 208 -8.98 23.66 -15.11
CA ASP C 208 -8.46 24.98 -15.40
C ASP C 208 -9.22 26.04 -14.60
N ARG C 209 -8.73 26.33 -13.40
CA ARG C 209 -9.34 27.31 -12.49
C ARG C 209 -8.67 28.67 -12.49
N LYS C 210 -9.48 29.72 -12.50
CA LYS C 210 -8.93 31.07 -12.51
C LYS C 210 -8.12 31.38 -11.26
N ASP C 211 -8.21 30.53 -10.24
CA ASP C 211 -7.44 30.79 -9.02
C ASP C 211 -6.11 30.03 -9.01
N LEU C 212 -5.76 29.47 -10.17
CA LEU C 212 -4.51 28.73 -10.33
C LEU C 212 -3.35 29.72 -10.15
N VAL C 213 -2.52 29.49 -9.15
CA VAL C 213 -1.40 30.39 -8.92
C VAL C 213 -0.07 29.67 -8.97
N MET C 214 0.58 29.65 -10.12
CA MET C 214 1.87 28.99 -10.19
C MET C 214 2.84 29.78 -9.31
N THR C 215 3.30 29.16 -8.23
CA THR C 215 4.22 29.79 -7.30
C THR C 215 5.67 29.33 -7.45
N ASN C 216 5.93 28.41 -8.40
CA ASN C 216 7.27 27.89 -8.64
C ASN C 216 7.51 27.45 -10.08
N GLN C 217 8.75 27.58 -10.54
CA GLN C 217 9.08 27.22 -11.91
C GLN C 217 9.24 25.73 -12.20
N GLU C 218 8.70 25.29 -13.33
CA GLU C 218 8.79 23.90 -13.74
C GLU C 218 10.25 23.51 -13.69
N ILE C 219 10.52 22.27 -13.31
CA ILE C 219 11.91 21.83 -13.23
C ILE C 219 12.36 21.07 -14.47
N GLU C 220 13.55 21.40 -14.92
CA GLU C 220 14.14 20.76 -16.09
C GLU C 220 14.61 19.34 -15.73
N GLN C 221 15.50 19.24 -14.76
CA GLN C 221 16.04 17.93 -14.35
C GLN C 221 15.21 17.22 -13.27
N THR C 222 15.09 15.92 -13.45
CA THR C 222 14.34 15.05 -12.54
C THR C 222 14.96 14.92 -11.14
N THR C 223 14.12 14.73 -10.14
CA THR C 223 14.55 14.60 -8.75
C THR C 223 13.73 13.52 -8.09
N PRO C 224 14.29 12.87 -7.06
CA PRO C 224 13.55 11.82 -6.35
C PRO C 224 12.77 12.42 -5.19
N LYS C 225 12.04 13.49 -5.49
CA LYS C 225 11.22 14.16 -4.47
C LYS C 225 10.05 14.90 -5.13
N THR C 226 9.05 15.24 -4.32
CA THR C 226 7.88 15.95 -4.82
C THR C 226 8.24 17.42 -4.87
N VAL C 227 7.94 18.06 -6.00
CA VAL C 227 8.24 19.47 -6.14
C VAL C 227 6.99 20.27 -6.50
N ARG C 228 6.48 21.00 -5.52
CA ARG C 228 5.28 21.81 -5.72
C ARG C 228 5.59 22.94 -6.71
N LEU C 229 4.68 23.18 -7.64
CA LEU C 229 4.87 24.25 -8.62
C LEU C 229 3.87 25.36 -8.35
N GLY C 230 2.64 24.97 -8.04
CA GLY C 230 1.62 25.95 -7.79
C GLY C 230 0.48 25.45 -6.94
N ILE C 231 -0.59 26.23 -6.90
CA ILE C 231 -1.73 25.91 -6.09
C ILE C 231 -3.03 26.48 -6.65
N VAL C 232 -4.14 25.89 -6.20
CA VAL C 232 -5.48 26.30 -6.59
C VAL C 232 -6.22 26.60 -5.30
N GLY C 233 -7.13 27.57 -5.34
CA GLY C 233 -7.87 27.91 -4.13
C GLY C 233 -6.94 28.16 -2.96
N LYS C 234 -7.33 27.69 -1.78
CA LYS C 234 -6.53 27.88 -0.57
C LYS C 234 -5.30 26.97 -0.53
N GLY C 235 -5.17 26.08 -1.51
CA GLY C 235 -4.01 25.20 -1.55
C GLY C 235 -3.96 24.09 -0.51
N GLY C 236 -5.14 23.64 -0.07
CA GLY C 236 -5.20 22.57 0.90
C GLY C 236 -5.14 21.24 0.16
N GLN C 237 -5.31 20.14 0.89
CA GLN C 237 -5.26 18.81 0.27
C GLN C 237 -6.05 18.73 -1.04
N GLY C 238 -5.39 18.24 -2.08
CA GLY C 238 -6.01 18.14 -3.39
C GLY C 238 -6.12 19.48 -4.12
N GLU C 239 -5.33 20.47 -3.71
CA GLU C 239 -5.37 21.79 -4.32
C GLU C 239 -3.96 22.26 -4.60
N ARG C 240 -3.04 21.31 -4.69
CA ARG C 240 -1.65 21.64 -4.94
C ARG C 240 -1.16 20.99 -6.23
N ILE C 241 -0.49 21.76 -7.08
CA ILE C 241 0.01 21.22 -8.33
C ILE C 241 1.52 20.93 -8.21
N TYR C 242 1.91 19.72 -8.61
CA TYR C 242 3.31 19.32 -8.53
C TYR C 242 3.91 19.06 -9.91
N SER C 243 5.23 18.90 -9.92
CA SER C 243 5.98 18.65 -11.15
C SER C 243 6.05 17.16 -11.48
N THR C 244 5.71 16.81 -12.71
CA THR C 244 5.76 15.41 -13.13
C THR C 244 7.22 15.01 -13.25
N ARG C 245 8.12 15.98 -13.13
CA ARG C 245 9.54 15.72 -13.22
C ARG C 245 10.07 15.23 -11.87
N GLY C 246 9.26 15.42 -10.84
CA GLY C 246 9.62 14.97 -9.51
C GLY C 246 8.84 13.69 -9.25
N ILE C 247 8.56 13.38 -7.99
CA ILE C 247 7.82 12.16 -7.68
C ILE C 247 6.43 12.58 -7.27
N ALA C 248 5.49 11.62 -7.27
CA ALA C 248 4.10 11.88 -6.92
C ALA C 248 3.87 11.88 -5.43
N ILE C 249 2.87 12.64 -4.98
CA ILE C 249 2.53 12.69 -3.56
C ILE C 249 1.74 11.43 -3.22
N THR C 250 1.49 11.21 -1.93
CA THR C 250 0.75 10.04 -1.48
C THR C 250 -0.71 10.04 -1.94
N LEU C 251 -1.09 9.00 -2.67
CA LEU C 251 -2.47 8.84 -3.13
C LEU C 251 -3.32 8.63 -1.88
N SER C 252 -4.59 9.05 -1.91
CA SER C 252 -5.45 8.90 -0.74
C SER C 252 -6.77 8.26 -1.11
N ALA C 253 -7.45 7.71 -0.10
CA ALA C 253 -8.71 7.01 -0.31
C ALA C 253 -9.98 7.85 -0.16
N TYR C 254 -9.99 8.75 0.82
CA TYR C 254 -11.15 9.60 1.09
C TYR C 254 -10.88 11.07 0.82
N GLY C 255 -9.68 11.37 0.34
CA GLY C 255 -9.29 12.74 0.07
C GLY C 255 -10.17 13.58 -0.83
N GLY C 256 -10.16 14.88 -0.57
CA GLY C 256 -10.95 15.82 -1.35
C GLY C 256 -10.10 16.83 -2.07
N GLY C 257 -10.71 17.95 -2.46
CA GLY C 257 -10.00 18.98 -3.19
C GLY C 257 -10.30 18.76 -4.66
N ILE C 258 -10.11 19.75 -5.49
CA ILE C 258 -10.41 19.58 -6.90
C ILE C 258 -9.64 18.41 -7.54
N PHE C 259 -8.40 18.19 -7.08
CA PHE C 259 -7.56 17.10 -7.59
C PHE C 259 -7.65 15.94 -6.60
N ALA C 260 -8.87 15.68 -6.14
CA ALA C 260 -9.14 14.65 -5.15
C ALA C 260 -8.48 13.28 -5.33
N LYS C 261 -7.77 12.87 -4.27
CA LYS C 261 -7.10 11.56 -4.19
C LYS C 261 -5.81 11.36 -4.97
N THR C 262 -5.43 12.29 -5.83
CA THR C 262 -4.20 12.10 -6.60
C THR C 262 -3.30 13.33 -6.61
N GLY C 263 -3.92 14.50 -6.53
CA GLY C 263 -3.14 15.72 -6.55
C GLY C 263 -3.06 16.28 -7.96
N GLY C 264 -2.65 17.54 -8.07
CA GLY C 264 -2.55 18.18 -9.36
C GLY C 264 -1.16 18.07 -9.93
N TYR C 265 -1.09 17.96 -11.25
CA TYR C 265 0.19 17.86 -11.93
C TYR C 265 0.21 18.71 -13.18
N LEU C 266 1.38 19.25 -13.49
CA LEU C 266 1.60 20.12 -14.65
C LEU C 266 2.11 19.29 -15.83
N VAL C 267 1.24 19.06 -16.80
CA VAL C 267 1.59 18.25 -17.98
C VAL C 267 1.42 19.02 -19.28
N ASN C 268 2.52 19.19 -20.01
CA ASN C 268 2.52 19.92 -21.28
C ASN C 268 1.76 21.25 -21.20
N GLY C 269 2.08 22.06 -20.19
CA GLY C 269 1.44 23.36 -20.03
C GLY C 269 0.04 23.38 -19.44
N LYS C 270 -0.50 22.23 -19.09
CA LYS C 270 -1.84 22.14 -18.52
C LYS C 270 -1.85 21.55 -17.11
N THR C 271 -2.90 21.86 -16.36
CA THR C 271 -3.04 21.39 -14.99
C THR C 271 -4.14 20.32 -14.87
N ARG C 272 -3.78 19.15 -14.33
CA ARG C 272 -4.76 18.06 -14.17
C ARG C 272 -4.43 17.03 -13.10
N LYS C 273 -5.42 16.19 -12.81
CA LYS C 273 -5.26 15.14 -11.82
C LYS C 273 -4.87 13.86 -12.57
N LEU C 274 -4.43 12.84 -11.84
CA LEU C 274 -4.04 11.58 -12.47
C LEU C 274 -5.25 10.74 -12.90
N HIS C 275 -5.02 9.92 -13.91
CA HIS C 275 -6.02 9.00 -14.45
C HIS C 275 -5.94 7.73 -13.59
N PRO C 276 -7.06 7.05 -13.38
CA PRO C 276 -7.03 5.84 -12.56
C PRO C 276 -5.87 4.90 -12.89
N ARG C 277 -5.55 4.78 -14.17
CA ARG C 277 -4.46 3.91 -14.59
C ARG C 277 -3.11 4.47 -14.19
N GLU C 278 -2.96 5.78 -14.31
CA GLU C 278 -1.71 6.40 -13.91
C GLU C 278 -1.52 6.14 -12.40
N CYS C 279 -2.63 6.14 -11.67
CA CYS C 279 -2.60 5.86 -10.24
C CYS C 279 -2.04 4.47 -10.05
N ALA C 280 -2.58 3.52 -10.83
CA ALA C 280 -2.17 2.13 -10.77
C ALA C 280 -0.66 1.98 -10.95
N ARG C 281 -0.12 2.70 -11.94
CA ARG C 281 1.31 2.65 -12.21
C ARG C 281 2.08 3.27 -11.06
N VAL C 282 1.50 4.33 -10.48
CA VAL C 282 2.12 5.01 -9.35
C VAL C 282 2.19 4.07 -8.15
N MET C 283 1.28 3.10 -8.09
CA MET C 283 1.21 2.14 -7.00
C MET C 283 1.91 0.82 -7.36
N GLY C 284 2.55 0.79 -8.53
CA GLY C 284 3.27 -0.41 -8.96
C GLY C 284 2.44 -1.52 -9.57
N TYR C 285 1.18 -1.23 -9.91
CA TYR C 285 0.32 -2.24 -10.52
C TYR C 285 0.60 -2.40 -12.00
N PRO C 286 0.57 -3.66 -12.51
CA PRO C 286 0.82 -3.95 -13.93
C PRO C 286 -0.37 -3.48 -14.75
N ASP C 287 -0.12 -2.90 -15.92
CA ASP C 287 -1.21 -2.41 -16.75
C ASP C 287 -2.23 -3.48 -17.08
N SER C 288 -1.87 -4.74 -16.84
CA SER C 288 -2.77 -5.85 -17.10
C SER C 288 -3.81 -5.97 -15.99
N TYR C 289 -3.69 -5.14 -14.96
CA TYR C 289 -4.65 -5.18 -13.87
C TYR C 289 -5.90 -4.39 -14.23
N LYS C 290 -7.06 -5.04 -14.14
CA LYS C 290 -8.33 -4.39 -14.45
C LYS C 290 -8.83 -3.49 -13.33
N VAL C 291 -8.92 -2.19 -13.58
CA VAL C 291 -9.40 -1.27 -12.55
C VAL C 291 -10.94 -1.27 -12.48
N HIS C 292 -11.48 -0.81 -11.35
CA HIS C 292 -12.91 -0.78 -11.17
C HIS C 292 -13.54 0.23 -12.12
N PRO C 293 -14.74 -0.09 -12.64
CA PRO C 293 -15.46 0.78 -13.58
C PRO C 293 -15.79 2.16 -13.05
N SER C 294 -15.97 2.26 -11.74
CA SER C 294 -16.28 3.55 -11.10
C SER C 294 -14.97 4.26 -10.78
N THR C 295 -14.72 5.39 -11.44
CA THR C 295 -13.48 6.10 -11.20
C THR C 295 -13.32 6.54 -9.75
N SER C 296 -14.38 7.10 -9.17
CA SER C 296 -14.31 7.55 -7.79
C SER C 296 -13.87 6.40 -6.91
N GLN C 297 -14.52 5.25 -7.09
CA GLN C 297 -14.20 4.05 -6.33
C GLN C 297 -12.78 3.55 -6.66
N ALA C 298 -12.40 3.62 -7.92
CA ALA C 298 -11.06 3.19 -8.34
C ALA C 298 -10.00 4.04 -7.66
N TYR C 299 -10.19 5.37 -7.68
CA TYR C 299 -9.24 6.28 -7.02
C TYR C 299 -9.16 5.94 -5.54
N LYS C 300 -10.30 5.58 -4.95
CA LYS C 300 -10.35 5.23 -3.53
C LYS C 300 -9.59 3.96 -3.24
N GLN C 301 -9.79 2.95 -4.08
CA GLN C 301 -9.12 1.67 -3.92
C GLN C 301 -7.60 1.77 -4.04
N PHE C 302 -7.13 2.50 -5.04
CA PHE C 302 -5.70 2.69 -5.21
C PHE C 302 -5.20 3.59 -4.11
N GLY C 303 -6.08 4.48 -3.66
CA GLY C 303 -5.75 5.41 -2.60
C GLY C 303 -5.28 4.78 -1.31
N ASN C 304 -5.95 3.75 -0.83
CA ASN C 304 -5.48 3.13 0.40
C ASN C 304 -4.85 1.75 0.17
N SER C 305 -4.33 1.53 -1.04
CA SER C 305 -3.69 0.26 -1.36
C SER C 305 -2.20 0.27 -1.01
N VAL C 306 -1.42 -0.58 -1.68
CA VAL C 306 0.00 -0.66 -1.40
C VAL C 306 0.86 -0.64 -2.68
N VAL C 307 2.12 -0.24 -2.56
CA VAL C 307 3.02 -0.21 -3.71
C VAL C 307 3.64 -1.59 -3.94
N ILE C 308 3.03 -2.35 -4.85
CA ILE C 308 3.45 -3.70 -5.18
C ILE C 308 4.97 -3.93 -5.16
N ASN C 309 5.72 -3.09 -5.85
CA ASN C 309 7.17 -3.24 -5.91
C ASN C 309 7.79 -3.40 -4.52
N VAL C 310 7.46 -2.47 -3.61
CA VAL C 310 7.98 -2.52 -2.25
C VAL C 310 7.59 -3.84 -1.61
N LEU C 311 6.33 -4.20 -1.76
CA LEU C 311 5.85 -5.44 -1.18
C LEU C 311 6.65 -6.63 -1.70
N GLN C 312 7.05 -6.57 -2.96
CA GLN C 312 7.82 -7.66 -3.54
C GLN C 312 9.18 -7.83 -2.86
N TYR C 313 9.94 -6.75 -2.75
CA TYR C 313 11.26 -6.83 -2.11
C TYR C 313 11.18 -7.40 -0.71
N ILE C 314 10.14 -7.06 0.04
CA ILE C 314 9.99 -7.58 1.39
C ILE C 314 9.63 -9.05 1.31
N ALA C 315 8.66 -9.38 0.47
CA ALA C 315 8.23 -10.77 0.31
C ALA C 315 9.42 -11.65 -0.08
N TYR C 316 10.25 -11.17 -0.98
CA TYR C 316 11.41 -11.92 -1.43
C TYR C 316 12.34 -12.19 -0.26
N ASN C 317 12.52 -11.19 0.59
CA ASN C 317 13.38 -11.28 1.76
C ASN C 317 12.78 -12.16 2.86
N ILE C 318 11.46 -12.29 2.84
CA ILE C 318 10.79 -13.14 3.81
C ILE C 318 11.11 -14.60 3.41
N GLY C 319 11.07 -14.85 2.11
CA GLY C 319 11.38 -16.18 1.60
C GLY C 319 12.85 -16.52 1.76
N SER C 320 13.72 -15.56 1.45
CA SER C 320 15.15 -15.81 1.58
C SER C 320 15.46 -16.32 2.97
N SER C 321 14.88 -15.67 3.98
CA SER C 321 15.10 -16.06 5.37
C SER C 321 14.47 -17.40 5.69
N LEU C 322 13.21 -17.59 5.31
CA LEU C 322 12.53 -18.83 5.58
C LEU C 322 13.23 -20.03 4.95
N ASN C 323 13.90 -19.80 3.82
CA ASN C 323 14.58 -20.86 3.11
C ASN C 323 15.97 -21.20 3.59
N PHE C 324 16.63 -20.28 4.29
CA PHE C 324 17.98 -20.54 4.78
C PHE C 324 17.91 -21.46 5.98
N LYS C 325 18.22 -22.75 5.76
CA LYS C 325 18.18 -23.74 6.82
C LYS C 325 19.34 -24.72 6.70
N PRO C 326 20.57 -24.28 7.00
CA PRO C 326 21.70 -25.19 6.89
C PRO C 326 21.67 -26.33 7.91
N TYR C 327 22.54 -27.31 7.71
CA TYR C 327 22.63 -28.44 8.61
C TYR C 327 23.64 -28.13 9.71
N SAH D . -3.54 -3.94 1.20
CA SAH D . -4.87 -3.52 0.57
CB SAH D . -5.59 -2.32 1.08
CG SAH D . -5.90 -2.25 2.57
SD SAH D . -7.07 -0.87 2.83
C SAH D . -4.62 -3.42 -0.98
O SAH D . -3.51 -3.69 -1.44
OXT SAH D . -5.62 -3.08 -1.69
C5' SAH D . -7.99 -1.42 4.18
C4' SAH D . -9.20 -2.30 3.66
O4' SAH D . -9.84 -2.65 4.86
C3' SAH D . -10.26 -1.59 2.87
O3' SAH D . -10.34 -2.11 1.55
C2' SAH D . -11.56 -1.81 3.74
O2' SAH D . -12.73 -1.93 2.95
C1' SAH D . -11.20 -3.06 4.53
N9 SAH D . -11.84 -3.28 5.69
C8 SAH D . -12.08 -2.50 6.81
N7 SAH D . -12.73 -3.08 7.75
C5 SAH D . -12.98 -4.40 7.27
C6 SAH D . -13.67 -5.52 7.85
N6 SAH D . -14.23 -5.50 9.06
N1 SAH D . -13.70 -6.64 7.07
C2 SAH D . -13.15 -6.71 5.84
N3 SAH D . -12.48 -5.65 5.23
C4 SAH D . -12.44 -4.53 6.01
#